data_7B40
#
_entry.id   7B40
#
_cell.length_a   109.930
_cell.length_b   42.470
_cell.length_c   86.080
_cell.angle_alpha   90.000
_cell.angle_beta   120.940
_cell.angle_gamma   90.000
#
_symmetry.space_group_name_H-M   'C 1 2 1'
#
loop_
_entity.id
_entity.type
_entity.pdbx_description
1 polymer 'Hepatocyte growth factor receptor'
2 non-polymer 3-(phenylmethyl)-5-(1-piperidin-4-ylpyrazol-4-yl)-1~{H}-pyrrolo[2,3-b]pyridine
3 water water
#
_entity_poly.entity_id   1
_entity_poly.type   'polypeptide(L)'
_entity_poly.pdbx_seq_one_letter_code
;GNTVHIDLSALNPELVQAVQHVVIGPSSLIVHFNEVIGRGHFGCVYHGTLLDNDGKKIHCAVKSLNRITDIGEVSQFLTE
GIIMKDFSHPNVLSLLGICLRSEGSPLVVLPYMKHGDLRNFIRNETHNPTVKDLIGFGLQVAKGMKYLASKKFVHRDLAA
RNCMLDEKFTVKVADFGLARDMYDKEYYSVHNKTGAKLPVKWMALESLQTQKFTTKSDVWSFGVLLWELMTRGAPPYPDV
NTFDITVYLLQGRRLLQPEYCPDPLYEVMLKCWHPKAEMRPSFSELVSRISAIFSTFIG
;
_entity_poly.pdbx_strand_id   A
#
loop_
_chem_comp.id
_chem_comp.type
_chem_comp.name
_chem_comp.formula
SWN non-polymer 3-(phenylmethyl)-5-(1-piperidin-4-ylpyrazol-4-yl)-1~{H}-pyrrolo[2,3-b]pyridine 'C22 H23 N5'
#
# COMPACT_ATOMS: atom_id res chain seq x y z
N LEU A 8 -9.65 -26.51 15.14
CA LEU A 8 -9.20 -26.51 13.75
C LEU A 8 -9.74 -27.69 12.93
N SER A 9 -10.15 -28.78 13.62
CA SER A 9 -10.77 -29.97 13.02
C SER A 9 -12.20 -29.65 12.56
N ALA A 10 -12.77 -28.57 13.13
CA ALA A 10 -14.11 -28.06 12.83
C ALA A 10 -14.16 -27.26 11.51
N LEU A 11 -13.02 -27.12 10.82
CA LEU A 11 -12.95 -26.39 9.55
C LEU A 11 -13.52 -27.22 8.42
N ASN A 12 -14.23 -26.55 7.50
CA ASN A 12 -14.81 -27.21 6.34
C ASN A 12 -13.67 -27.83 5.48
N PRO A 13 -13.73 -29.14 5.17
CA PRO A 13 -12.64 -29.80 4.43
C PRO A 13 -12.40 -29.32 2.99
N GLU A 14 -13.44 -28.90 2.26
CA GLU A 14 -13.18 -28.42 0.89
C GLU A 14 -12.50 -27.07 0.92
N LEU A 15 -12.76 -26.26 1.98
CA LEU A 15 -12.11 -24.99 2.19
C LEU A 15 -10.65 -25.22 2.65
N VAL A 16 -10.40 -26.27 3.45
CA VAL A 16 -9.05 -26.64 3.89
C VAL A 16 -8.21 -27.04 2.67
N GLN A 17 -8.78 -27.85 1.74
CA GLN A 17 -8.13 -28.25 0.50
C GLN A 17 -7.82 -27.02 -0.39
N ALA A 18 -8.78 -26.10 -0.48
CA ALA A 18 -8.69 -24.87 -1.28
C ALA A 18 -7.54 -23.97 -0.83
N VAL A 19 -7.29 -23.91 0.48
CA VAL A 19 -6.27 -23.00 1.02
C VAL A 19 -4.86 -23.67 1.12
N GLN A 20 -4.71 -24.97 0.78
CA GLN A 20 -3.42 -25.65 0.93
C GLN A 20 -2.23 -24.96 0.22
N HIS A 21 -2.45 -24.35 -0.97
CA HIS A 21 -1.37 -23.66 -1.69
C HIS A 21 -0.93 -22.33 -1.03
N VAL A 22 -1.68 -21.85 -0.02
CA VAL A 22 -1.41 -20.58 0.69
C VAL A 22 -0.85 -20.88 2.11
N VAL A 23 -1.18 -22.07 2.66
CA VAL A 23 -0.77 -22.45 4.01
C VAL A 23 0.70 -22.78 4.08
N ILE A 24 1.37 -22.21 5.09
CA ILE A 24 2.77 -22.46 5.46
C ILE A 24 2.70 -23.41 6.67
N GLY A 25 3.33 -24.57 6.53
CA GLY A 25 3.41 -25.54 7.63
C GLY A 25 4.11 -24.96 8.86
N PRO A 26 3.69 -25.33 10.09
CA PRO A 26 4.38 -24.77 11.29
C PRO A 26 5.88 -25.12 11.36
N SER A 27 6.29 -26.27 10.75
CA SER A 27 7.71 -26.66 10.67
C SER A 27 8.47 -25.86 9.57
N SER A 28 7.76 -25.01 8.79
CA SER A 28 8.41 -24.20 7.74
C SER A 28 8.61 -22.74 8.14
N LEU A 29 8.12 -22.36 9.32
CA LEU A 29 8.17 -20.97 9.76
C LEU A 29 8.69 -20.83 11.18
N ILE A 30 9.68 -19.97 11.33
CA ILE A 30 10.26 -19.66 12.64
C ILE A 30 9.89 -18.21 12.97
N VAL A 31 9.05 -18.03 14.00
CA VAL A 31 8.63 -16.67 14.40
C VAL A 31 9.40 -16.22 15.63
N HIS A 32 9.98 -15.02 15.55
CA HIS A 32 10.72 -14.41 16.66
C HIS A 32 9.71 -13.51 17.39
N PHE A 33 8.86 -14.12 18.24
CA PHE A 33 7.83 -13.46 19.04
C PHE A 33 8.38 -12.48 20.09
N ASN A 34 9.70 -12.48 20.25
CA ASN A 34 10.45 -11.62 21.15
C ASN A 34 11.05 -10.40 20.42
N GLU A 35 10.85 -10.30 19.07
CA GLU A 35 11.40 -9.21 18.25
C GLU A 35 10.31 -8.58 17.37
N VAL A 36 9.77 -7.44 17.77
CA VAL A 36 8.76 -6.75 16.96
C VAL A 36 9.41 -5.96 15.86
N ILE A 37 8.68 -5.78 14.74
CA ILE A 37 9.16 -4.91 13.67
C ILE A 37 8.49 -3.54 13.86
N GLY A 38 9.26 -2.48 13.64
CA GLY A 38 8.77 -1.10 13.67
C GLY A 38 8.36 -0.53 15.02
N ARG A 39 8.95 -1.04 16.12
CA ARG A 39 8.76 -0.60 17.50
C ARG A 39 7.30 -0.51 17.96
N GLY A 40 6.46 -1.37 17.40
CA GLY A 40 5.05 -1.42 17.76
C GLY A 40 4.13 -0.52 16.94
N HIS A 41 4.71 0.33 16.04
CA HIS A 41 3.95 1.24 15.17
C HIS A 41 3.03 0.53 14.17
N PHE A 42 3.31 -0.75 13.89
CA PHE A 42 2.53 -1.57 12.96
C PHE A 42 1.77 -2.68 13.69
N GLY A 43 1.66 -2.57 15.00
CA GLY A 43 0.98 -3.55 15.84
C GLY A 43 1.81 -4.79 16.08
N CYS A 44 1.14 -5.96 16.19
CA CYS A 44 1.76 -7.26 16.46
C CYS A 44 2.35 -7.90 15.23
N VAL A 45 3.49 -7.34 14.79
CA VAL A 45 4.27 -7.79 13.63
C VAL A 45 5.67 -8.08 14.11
N TYR A 46 6.16 -9.29 13.81
CA TYR A 46 7.46 -9.79 14.27
C TYR A 46 8.34 -10.25 13.16
N HIS A 47 9.65 -10.25 13.41
CA HIS A 47 10.61 -10.84 12.52
C HIS A 47 10.36 -12.33 12.47
N GLY A 48 10.59 -12.90 11.31
CA GLY A 48 10.44 -14.33 11.12
C GLY A 48 11.35 -14.86 10.03
N THR A 49 11.39 -16.19 9.94
CA THR A 49 12.17 -16.90 8.94
C THR A 49 11.28 -17.95 8.32
N LEU A 50 11.11 -17.84 7.01
CA LEU A 50 10.31 -18.77 6.23
C LEU A 50 11.27 -19.66 5.46
N LEU A 51 11.01 -20.97 5.50
CA LEU A 51 11.84 -21.93 4.78
C LEU A 51 11.03 -22.36 3.55
N ASP A 52 11.53 -22.09 2.34
CA ASP A 52 10.80 -22.53 1.15
C ASP A 52 11.03 -24.05 0.93
N ASN A 53 10.38 -24.63 -0.11
CA ASN A 53 10.47 -26.06 -0.44
C ASN A 53 11.90 -26.58 -0.63
N ASP A 54 12.82 -25.70 -1.09
CA ASP A 54 14.22 -26.01 -1.31
C ASP A 54 15.09 -25.73 -0.06
N GLY A 55 14.47 -25.27 1.02
CA GLY A 55 15.16 -24.96 2.27
C GLY A 55 15.82 -23.60 2.34
N LYS A 56 15.58 -22.74 1.34
CA LYS A 56 16.14 -21.37 1.34
C LYS A 56 15.47 -20.58 2.48
N LYS A 57 16.29 -19.86 3.27
CA LYS A 57 15.82 -19.02 4.38
C LYS A 57 15.38 -17.65 3.84
N ILE A 58 14.12 -17.27 4.09
CA ILE A 58 13.52 -16.00 3.67
C ILE A 58 13.17 -15.16 4.90
N HIS A 59 13.76 -13.97 5.00
CA HIS A 59 13.48 -13.04 6.09
C HIS A 59 12.09 -12.46 5.84
N CYS A 60 11.20 -12.65 6.81
CA CYS A 60 9.83 -12.18 6.62
C CYS A 60 9.28 -11.40 7.81
N ALA A 61 8.10 -10.76 7.62
CA ALA A 61 7.41 -10.03 8.66
C ALA A 61 6.13 -10.82 8.91
N VAL A 62 5.90 -11.17 10.18
CA VAL A 62 4.82 -12.05 10.61
C VAL A 62 3.82 -11.27 11.48
N LYS A 63 2.62 -11.06 10.94
CA LYS A 63 1.57 -10.37 11.69
C LYS A 63 0.64 -11.34 12.37
N SER A 64 0.45 -11.16 13.69
CA SER A 64 -0.45 -12.00 14.45
C SER A 64 -1.81 -11.34 14.44
N LEU A 65 -2.83 -12.10 14.02
CA LEU A 65 -4.19 -11.60 13.92
C LEU A 65 -5.00 -11.97 15.17
N ASN A 66 -4.68 -11.26 16.27
CA ASN A 66 -5.25 -11.38 17.60
C ASN A 66 -6.76 -11.09 17.64
N ARG A 67 -7.24 -10.26 16.69
CA ARG A 67 -8.66 -9.89 16.55
C ARG A 67 -9.54 -11.04 16.01
N ILE A 68 -8.93 -12.20 15.67
CA ILE A 68 -9.63 -13.39 15.18
C ILE A 68 -9.73 -14.44 16.30
N THR A 69 -10.97 -14.90 16.57
CA THR A 69 -11.28 -15.88 17.60
C THR A 69 -12.09 -17.06 17.05
N ASP A 70 -13.34 -16.81 16.60
CA ASP A 70 -14.25 -17.84 16.12
C ASP A 70 -13.89 -18.44 14.75
N ILE A 71 -14.43 -19.65 14.49
CA ILE A 71 -14.25 -20.43 13.26
C ILE A 71 -14.78 -19.69 11.99
N GLY A 72 -15.83 -18.86 12.15
CA GLY A 72 -16.41 -18.05 11.08
C GLY A 72 -15.41 -17.04 10.56
N GLU A 73 -14.75 -16.32 11.50
CA GLU A 73 -13.69 -15.33 11.22
C GLU A 73 -12.47 -16.03 10.65
N VAL A 74 -12.17 -17.27 11.12
CA VAL A 74 -11.05 -18.08 10.64
C VAL A 74 -11.24 -18.45 9.16
N SER A 75 -12.45 -18.90 8.79
CA SER A 75 -12.83 -19.29 7.41
C SER A 75 -12.67 -18.10 6.46
N GLN A 76 -13.21 -16.92 6.86
CA GLN A 76 -13.14 -15.67 6.11
C GLN A 76 -11.65 -15.30 5.91
N PHE A 77 -10.82 -15.51 6.94
CA PHE A 77 -9.37 -15.25 6.91
C PHE A 77 -8.69 -16.16 5.88
N LEU A 78 -9.15 -17.43 5.76
CA LEU A 78 -8.59 -18.37 4.80
C LEU A 78 -8.89 -17.92 3.35
N THR A 79 -10.10 -17.38 3.12
CA THR A 79 -10.56 -16.89 1.83
C THR A 79 -9.80 -15.66 1.38
N GLU A 80 -9.63 -14.67 2.28
CA GLU A 80 -8.85 -13.47 1.97
C GLU A 80 -7.41 -13.87 1.58
N GLY A 81 -6.88 -14.92 2.23
CA GLY A 81 -5.58 -15.50 1.92
C GLY A 81 -5.56 -16.07 0.52
N ILE A 82 -6.59 -16.87 0.17
CA ILE A 82 -6.72 -17.49 -1.16
C ILE A 82 -6.73 -16.40 -2.26
N ILE A 83 -7.54 -15.35 -2.08
CA ILE A 83 -7.67 -14.25 -3.02
C ILE A 83 -6.37 -13.44 -3.13
N MET A 84 -5.77 -13.06 -1.98
CA MET A 84 -4.54 -12.26 -1.95
C MET A 84 -3.35 -12.99 -2.56
N LYS A 85 -3.29 -14.33 -2.41
CA LYS A 85 -2.19 -15.12 -2.98
C LYS A 85 -2.16 -15.01 -4.53
N ASP A 86 -3.32 -14.64 -5.16
CA ASP A 86 -3.42 -14.44 -6.61
C ASP A 86 -2.95 -13.04 -7.04
N PHE A 87 -2.62 -12.20 -6.06
CA PHE A 87 -2.11 -10.87 -6.33
C PHE A 87 -0.62 -10.82 -6.04
N SER A 88 0.17 -10.72 -7.09
CA SER A 88 1.61 -10.53 -6.97
C SER A 88 2.08 -9.76 -8.17
N HIS A 89 2.93 -8.79 -7.92
CA HIS A 89 3.47 -7.90 -8.94
C HIS A 89 4.71 -7.30 -8.28
N PRO A 90 5.77 -6.93 -9.05
CA PRO A 90 6.94 -6.27 -8.41
C PRO A 90 6.62 -5.00 -7.61
N ASN A 91 5.46 -4.36 -7.86
CA ASN A 91 5.17 -3.13 -7.13
C ASN A 91 3.97 -3.20 -6.22
N VAL A 92 3.65 -4.41 -5.78
CA VAL A 92 2.54 -4.67 -4.87
C VAL A 92 3.08 -5.60 -3.77
N LEU A 93 2.75 -5.32 -2.49
CA LEU A 93 3.20 -6.17 -1.38
C LEU A 93 2.61 -7.57 -1.61
N SER A 94 3.48 -8.58 -1.77
CA SER A 94 3.03 -9.96 -2.04
C SER A 94 2.90 -10.81 -0.82
N LEU A 95 1.74 -11.44 -0.62
CA LEU A 95 1.55 -12.37 0.48
C LEU A 95 2.44 -13.62 0.33
N LEU A 96 3.23 -13.95 1.35
CA LEU A 96 4.05 -15.16 1.28
C LEU A 96 3.17 -16.35 1.69
N GLY A 97 2.33 -16.15 2.68
CA GLY A 97 1.45 -17.22 3.12
C GLY A 97 0.79 -16.96 4.44
N ILE A 98 0.01 -17.92 4.88
CA ILE A 98 -0.70 -17.85 6.15
C ILE A 98 -0.37 -19.08 6.99
N CYS A 99 -0.48 -18.95 8.31
CA CYS A 99 -0.18 -20.01 9.27
C CYS A 99 -1.29 -20.12 10.32
N LEU A 100 -1.74 -21.35 10.62
CA LEU A 100 -2.78 -21.59 11.62
C LEU A 100 -2.25 -22.48 12.73
N GLY A 104 -1.87 -20.73 18.71
CA GLY A 104 -2.43 -19.41 19.02
C GLY A 104 -3.21 -18.78 17.88
N SER A 105 -3.09 -17.45 17.74
CA SER A 105 -3.80 -16.65 16.74
C SER A 105 -3.29 -16.89 15.29
N PRO A 106 -4.13 -16.64 14.25
CA PRO A 106 -3.66 -16.86 12.86
C PRO A 106 -2.57 -15.87 12.47
N LEU A 107 -1.61 -16.33 11.66
CA LEU A 107 -0.49 -15.51 11.23
C LEU A 107 -0.48 -15.21 9.71
N VAL A 108 -0.18 -13.96 9.38
CA VAL A 108 -0.05 -13.48 8.01
C VAL A 108 1.45 -13.25 7.82
N VAL A 109 2.03 -13.91 6.82
CA VAL A 109 3.46 -13.83 6.52
C VAL A 109 3.67 -12.95 5.27
N LEU A 110 4.48 -11.92 5.41
CA LEU A 110 4.72 -10.94 4.37
C LEU A 110 6.19 -10.78 4.13
N PRO A 111 6.64 -10.34 2.91
CA PRO A 111 8.07 -10.08 2.73
C PRO A 111 8.52 -8.98 3.67
N TYR A 112 9.81 -9.04 4.01
CA TYR A 112 10.43 -8.08 4.85
C TYR A 112 10.84 -6.85 4.03
N MET A 113 10.44 -5.65 4.49
CA MET A 113 10.68 -4.36 3.84
C MET A 113 11.69 -3.55 4.65
N LYS A 114 12.96 -3.66 4.26
CA LYS A 114 14.09 -3.02 4.95
C LYS A 114 13.86 -1.55 5.32
N HIS A 115 13.29 -0.74 4.40
CA HIS A 115 13.14 0.68 4.66
C HIS A 115 11.79 1.12 5.21
N GLY A 116 10.90 0.18 5.51
CA GLY A 116 9.59 0.50 6.07
C GLY A 116 8.70 1.29 5.12
N ASP A 117 7.80 2.15 5.66
CA ASP A 117 6.88 2.90 4.81
C ASP A 117 7.55 4.02 4.03
N LEU A 118 7.06 4.25 2.82
CA LEU A 118 7.58 5.27 1.89
C LEU A 118 7.57 6.69 2.47
N ARG A 119 6.50 7.07 3.19
CA ARG A 119 6.43 8.42 3.77
C ARG A 119 7.54 8.68 4.79
N ASN A 120 7.76 7.74 5.72
CA ASN A 120 8.84 7.95 6.71
C ASN A 120 10.20 7.95 6.08
N PHE A 121 10.41 7.11 5.03
CA PHE A 121 11.68 7.09 4.30
C PHE A 121 11.99 8.47 3.62
N ILE A 122 11.00 9.08 2.92
CA ILE A 122 11.25 10.37 2.22
C ILE A 122 11.34 11.58 3.20
N ARG A 123 10.80 11.43 4.40
CA ARG A 123 10.81 12.46 5.43
C ARG A 123 12.12 12.41 6.24
N ASN A 124 12.78 11.23 6.25
CA ASN A 124 14.02 11.07 7.03
C ASN A 124 15.12 11.95 6.47
N GLU A 125 15.55 12.92 7.31
CA GLU A 125 16.57 13.93 7.01
C GLU A 125 17.93 13.34 6.63
N THR A 126 18.23 12.12 7.09
CA THR A 126 19.51 11.43 6.80
C THR A 126 19.50 10.84 5.38
N HIS A 127 18.32 10.59 4.80
CA HIS A 127 18.20 10.11 3.42
C HIS A 127 18.14 11.32 2.48
N ASN A 128 18.69 11.19 1.28
CA ASN A 128 18.65 12.28 0.30
C ASN A 128 18.17 11.81 -1.08
N PRO A 129 16.90 11.34 -1.22
CA PRO A 129 16.45 10.93 -2.55
C PRO A 129 16.40 12.13 -3.49
N THR A 130 16.96 11.96 -4.69
CA THR A 130 17.00 12.99 -5.73
C THR A 130 15.59 13.14 -6.33
N VAL A 131 15.37 14.18 -7.17
CA VAL A 131 14.11 14.39 -7.88
C VAL A 131 13.83 13.13 -8.75
N LYS A 132 14.87 12.62 -9.46
CA LYS A 132 14.78 11.39 -10.26
C LYS A 132 14.24 10.21 -9.41
N ASP A 133 14.88 9.93 -8.26
CA ASP A 133 14.47 8.84 -7.33
C ASP A 133 13.01 8.98 -6.91
N LEU A 134 12.58 10.22 -6.58
CA LEU A 134 11.20 10.50 -6.17
C LEU A 134 10.21 10.24 -7.28
N ILE A 135 10.52 10.71 -8.52
CA ILE A 135 9.64 10.43 -9.68
C ILE A 135 9.60 8.90 -9.91
N GLY A 136 10.77 8.27 -9.78
CA GLY A 136 10.92 6.82 -9.88
C GLY A 136 10.02 6.07 -8.92
N PHE A 137 9.91 6.55 -7.65
CA PHE A 137 8.99 5.94 -6.66
C PHE A 137 7.54 6.12 -7.14
N GLY A 138 7.21 7.29 -7.71
CA GLY A 138 5.84 7.55 -8.17
C GLY A 138 5.50 6.67 -9.36
N LEU A 139 6.48 6.43 -10.21
CA LEU A 139 6.30 5.55 -11.37
C LEU A 139 6.03 4.09 -10.89
N GLN A 140 6.78 3.64 -9.86
CA GLN A 140 6.61 2.29 -9.27
C GLN A 140 5.23 2.15 -8.65
N VAL A 141 4.76 3.18 -7.93
CA VAL A 141 3.39 3.16 -7.39
C VAL A 141 2.36 3.07 -8.54
N ALA A 142 2.50 3.91 -9.58
CA ALA A 142 1.61 3.88 -10.74
C ALA A 142 1.57 2.46 -11.38
N LYS A 143 2.71 1.79 -11.47
CA LYS A 143 2.75 0.42 -12.01
C LYS A 143 2.00 -0.58 -11.13
N GLY A 144 2.16 -0.44 -9.81
CA GLY A 144 1.46 -1.29 -8.85
C GLY A 144 -0.03 -1.06 -8.91
N MET A 145 -0.43 0.22 -9.07
CA MET A 145 -1.85 0.57 -9.14
C MET A 145 -2.46 0.12 -10.47
N LYS A 146 -1.72 0.24 -11.58
CA LYS A 146 -2.18 -0.23 -12.90
C LYS A 146 -2.55 -1.73 -12.80
N TYR A 147 -1.68 -2.50 -12.14
CA TYR A 147 -1.91 -3.93 -11.89
C TYR A 147 -3.18 -4.14 -11.04
N LEU A 148 -3.29 -3.45 -9.88
CA LEU A 148 -4.49 -3.62 -9.03
C LEU A 148 -5.78 -3.25 -9.76
N ALA A 149 -5.74 -2.13 -10.52
CA ALA A 149 -6.89 -1.64 -11.34
C ALA A 149 -7.28 -2.63 -12.45
N SER A 150 -6.28 -3.31 -13.06
CA SER A 150 -6.52 -4.34 -14.10
C SER A 150 -7.28 -5.55 -13.53
N LYS A 151 -7.19 -5.75 -12.20
CA LYS A 151 -7.84 -6.86 -11.50
C LYS A 151 -9.15 -6.40 -10.90
N LYS A 152 -9.60 -5.17 -11.27
CA LYS A 152 -10.83 -4.52 -10.81
C LYS A 152 -10.79 -4.30 -9.28
N PHE A 153 -9.58 -4.17 -8.71
CA PHE A 153 -9.45 -3.91 -7.27
C PHE A 153 -9.37 -2.41 -7.01
N VAL A 154 -10.18 -1.91 -6.07
CA VAL A 154 -10.24 -0.49 -5.66
C VAL A 154 -9.57 -0.41 -4.28
N HIS A 155 -8.44 0.28 -4.22
CA HIS A 155 -7.66 0.38 -2.99
C HIS A 155 -8.40 1.13 -1.86
N ARG A 156 -8.93 2.33 -2.15
CA ARG A 156 -9.64 3.21 -1.20
C ARG A 156 -8.76 3.97 -0.22
N ASP A 157 -7.49 3.57 -0.04
CA ASP A 157 -6.63 4.29 0.92
C ASP A 157 -5.18 4.41 0.44
N LEU A 158 -5.02 4.83 -0.83
CA LEU A 158 -3.70 5.04 -1.41
C LEU A 158 -3.12 6.35 -0.87
N ALA A 159 -1.90 6.25 -0.31
CA ALA A 159 -1.17 7.37 0.29
C ALA A 159 0.25 6.86 0.50
N ALA A 160 1.25 7.75 0.65
CA ALA A 160 2.66 7.36 0.83
C ALA A 160 2.89 6.51 2.08
N ARG A 161 2.10 6.72 3.16
CA ARG A 161 2.16 5.94 4.41
C ARG A 161 1.80 4.46 4.15
N ASN A 162 0.99 4.19 3.11
CA ASN A 162 0.48 2.86 2.76
C ASN A 162 1.29 2.14 1.67
N CYS A 163 2.52 2.61 1.39
CA CYS A 163 3.44 1.98 0.45
C CYS A 163 4.68 1.63 1.24
N MET A 164 5.29 0.47 0.96
CA MET A 164 6.50 0.01 1.66
C MET A 164 7.70 0.08 0.73
N LEU A 165 8.91 0.10 1.29
CA LEU A 165 10.14 0.21 0.50
C LEU A 165 11.11 -0.91 0.92
N ASP A 166 11.59 -1.74 -0.03
CA ASP A 166 12.48 -2.84 0.32
C ASP A 166 13.95 -2.47 0.17
N GLU A 167 14.84 -3.44 0.42
CA GLU A 167 16.29 -3.25 0.39
C GLU A 167 16.84 -2.81 -0.99
N LYS A 168 16.12 -3.13 -2.07
CA LYS A 168 16.57 -2.75 -3.43
C LYS A 168 15.90 -1.45 -3.90
N PHE A 169 15.20 -0.76 -2.97
CA PHE A 169 14.47 0.49 -3.17
C PHE A 169 13.30 0.28 -4.15
N THR A 170 12.66 -0.91 -4.04
CA THR A 170 11.48 -1.25 -4.81
C THR A 170 10.30 -0.91 -3.91
N VAL A 171 9.34 -0.16 -4.46
CA VAL A 171 8.15 0.29 -3.75
C VAL A 171 7.09 -0.75 -3.90
N LYS A 172 6.40 -1.05 -2.80
CA LYS A 172 5.33 -2.03 -2.79
C LYS A 172 4.09 -1.35 -2.30
N VAL A 173 3.04 -1.32 -3.13
CA VAL A 173 1.76 -0.78 -2.71
C VAL A 173 1.23 -1.78 -1.68
N ALA A 174 0.92 -1.31 -0.46
CA ALA A 174 0.47 -2.20 0.60
C ALA A 174 -0.91 -1.79 1.10
N ASP A 175 -1.28 -2.16 2.34
CA ASP A 175 -2.57 -1.84 2.96
C ASP A 175 -3.80 -2.32 2.15
N PHE A 176 -3.78 -3.59 1.78
CA PHE A 176 -4.90 -4.26 1.10
C PHE A 176 -4.85 -5.74 1.47
N GLY A 177 -5.99 -6.42 1.36
CA GLY A 177 -6.12 -7.83 1.69
C GLY A 177 -5.84 -8.10 3.16
N LEU A 178 -5.01 -9.12 3.45
CA LEU A 178 -4.61 -9.45 4.81
C LEU A 178 -3.58 -8.46 5.39
N ALA A 179 -3.03 -7.57 4.53
CA ALA A 179 -2.05 -6.52 4.92
C ALA A 179 -2.75 -5.16 5.20
N ARG A 180 -4.09 -5.17 5.27
CA ARG A 180 -4.86 -3.95 5.55
C ARG A 180 -4.81 -3.62 7.08
N ASP A 181 -5.23 -2.40 7.52
CA ASP A 181 -5.16 -1.96 8.93
C ASP A 181 -3.71 -2.12 9.43
N MET A 182 -2.78 -1.69 8.59
CA MET A 182 -1.34 -1.74 8.76
C MET A 182 -0.87 -1.06 10.05
N TYR A 183 -1.54 0.04 10.44
CA TYR A 183 -1.19 0.83 11.61
C TYR A 183 -2.12 0.57 12.82
N ASP A 184 -2.49 -0.71 13.02
CA ASP A 184 -3.37 -1.10 14.13
C ASP A 184 -2.60 -1.24 15.44
N LYS A 185 -2.58 -0.15 16.23
CA LYS A 185 -1.91 -0.09 17.53
C LYS A 185 -2.84 -0.50 18.65
N GLU A 186 -2.29 -1.25 19.61
CA GLU A 186 -3.01 -1.69 20.81
C GLU A 186 -2.83 -0.57 21.84
N TYR A 187 -3.83 -0.30 22.66
CA TYR A 187 -3.72 0.75 23.67
C TYR A 187 -4.11 0.28 25.07
N TYR A 188 -3.55 0.91 26.12
CA TYR A 188 -3.87 0.58 27.51
C TYR A 188 -4.93 1.52 28.06
N PRO A 199 -9.23 8.96 5.47
CA PRO A 199 -8.15 9.65 4.75
C PRO A 199 -8.73 10.74 3.84
N VAL A 200 -9.51 11.65 4.42
CA VAL A 200 -10.28 12.64 3.65
C VAL A 200 -9.38 13.52 2.74
N LYS A 201 -8.14 13.83 3.14
CA LYS A 201 -7.25 14.68 2.34
C LYS A 201 -6.64 13.96 1.11
N TRP A 202 -6.95 12.67 0.91
CA TRP A 202 -6.50 11.88 -0.23
C TRP A 202 -7.73 11.46 -1.05
N MET A 203 -8.93 11.74 -0.54
CA MET A 203 -10.14 11.30 -1.21
C MET A 203 -10.60 12.16 -2.36
N ALA A 204 -11.14 11.51 -3.41
CA ALA A 204 -11.75 12.23 -4.53
C ALA A 204 -12.97 12.99 -4.04
N LEU A 205 -13.26 14.11 -4.68
CA LEU A 205 -14.41 14.97 -4.37
C LEU A 205 -15.75 14.17 -4.36
N GLU A 206 -15.99 13.30 -5.35
CA GLU A 206 -17.22 12.50 -5.39
C GLU A 206 -17.31 11.49 -4.24
N SER A 207 -16.14 11.00 -3.75
CA SER A 207 -16.08 10.05 -2.63
C SER A 207 -16.39 10.76 -1.33
N LEU A 208 -15.97 12.04 -1.22
CA LEU A 208 -16.27 12.88 -0.06
C LEU A 208 -17.77 13.17 -0.04
N GLN A 209 -18.38 13.31 -1.22
CA GLN A 209 -19.81 13.63 -1.36
C GLN A 209 -20.76 12.43 -1.29
N THR A 210 -20.39 11.27 -1.88
CA THR A 210 -21.24 10.06 -2.00
C THR A 210 -20.79 8.83 -1.19
N GLN A 211 -19.53 8.80 -0.68
CA GLN A 211 -18.92 7.70 0.09
C GLN A 211 -18.69 6.44 -0.77
N LYS A 212 -18.75 6.60 -2.11
CA LYS A 212 -18.50 5.56 -3.10
C LYS A 212 -17.12 5.74 -3.77
N PHE A 213 -16.36 4.64 -3.86
CA PHE A 213 -14.99 4.62 -4.36
C PHE A 213 -14.88 3.80 -5.62
N THR A 214 -14.07 4.28 -6.58
CA THR A 214 -13.80 3.65 -7.87
C THR A 214 -12.30 3.73 -8.16
N THR A 215 -11.87 3.15 -9.28
CA THR A 215 -10.47 3.24 -9.73
C THR A 215 -10.15 4.73 -10.01
N LYS A 216 -11.13 5.48 -10.52
CA LYS A 216 -10.93 6.92 -10.79
C LYS A 216 -10.80 7.72 -9.49
N SER A 217 -11.35 7.24 -8.35
CA SER A 217 -11.13 7.94 -7.08
C SER A 217 -9.72 7.58 -6.57
N ASP A 218 -9.21 6.36 -6.91
CA ASP A 218 -7.82 5.99 -6.56
C ASP A 218 -6.84 6.84 -7.36
N VAL A 219 -7.19 7.21 -8.59
CA VAL A 219 -6.35 8.10 -9.45
C VAL A 219 -6.20 9.46 -8.72
N TRP A 220 -7.29 9.96 -8.15
CA TRP A 220 -7.20 11.21 -7.35
C TRP A 220 -6.15 11.06 -6.21
N SER A 221 -6.31 10.00 -5.37
CA SER A 221 -5.41 9.68 -4.26
C SER A 221 -3.99 9.58 -4.76
N PHE A 222 -3.82 8.93 -5.93
CA PHE A 222 -2.50 8.81 -6.55
C PHE A 222 -1.87 10.18 -6.77
N GLY A 223 -2.66 11.12 -7.28
CA GLY A 223 -2.18 12.49 -7.48
C GLY A 223 -1.72 13.12 -6.17
N VAL A 224 -2.46 12.93 -5.08
CA VAL A 224 -2.03 13.44 -3.74
C VAL A 224 -0.72 12.72 -3.32
N LEU A 225 -0.61 11.40 -3.58
CA LEU A 225 0.61 10.64 -3.24
C LEU A 225 1.80 11.22 -4.03
N LEU A 226 1.60 11.54 -5.34
CA LEU A 226 2.67 12.17 -6.14
C LEU A 226 3.13 13.46 -5.48
N TRP A 227 2.16 14.34 -5.09
CA TRP A 227 2.47 15.58 -4.37
C TRP A 227 3.27 15.32 -3.08
N GLU A 228 2.89 14.26 -2.25
CA GLU A 228 3.66 13.86 -1.06
C GLU A 228 5.08 13.55 -1.46
N LEU A 229 5.29 12.78 -2.56
CA LEU A 229 6.65 12.43 -2.99
C LEU A 229 7.48 13.63 -3.34
N MET A 230 6.93 14.53 -4.16
CA MET A 230 7.66 15.71 -4.63
C MET A 230 7.94 16.75 -3.52
N THR A 231 7.21 16.69 -2.38
CA THR A 231 7.45 17.59 -1.23
C THR A 231 8.24 16.86 -0.11
N ARG A 232 8.68 15.61 -0.39
CA ARG A 232 9.41 14.77 0.56
C ARG A 232 8.63 14.51 1.86
N GLY A 233 7.34 14.21 1.73
CA GLY A 233 6.47 13.85 2.83
C GLY A 233 5.73 14.95 3.57
N ALA A 234 5.58 16.16 2.99
CA ALA A 234 4.81 17.24 3.65
C ALA A 234 3.35 16.83 3.73
N PRO A 235 2.63 17.25 4.79
CA PRO A 235 1.21 16.89 4.88
C PRO A 235 0.38 17.75 3.93
N PRO A 236 -0.59 17.15 3.21
CA PRO A 236 -1.39 17.95 2.27
C PRO A 236 -2.39 18.89 2.97
N TYR A 237 -2.59 20.11 2.42
CA TYR A 237 -3.57 21.10 2.88
C TYR A 237 -3.40 21.30 4.41
N PRO A 238 -2.21 21.64 4.93
CA PRO A 238 -2.06 21.71 6.39
C PRO A 238 -2.94 22.76 7.09
N ASP A 239 -3.36 23.81 6.39
CA ASP A 239 -4.20 24.87 6.97
C ASP A 239 -5.70 24.66 6.80
N VAL A 240 -6.11 23.54 6.17
CA VAL A 240 -7.53 23.26 5.93
C VAL A 240 -8.03 22.14 6.84
N ASN A 241 -9.16 22.35 7.52
CA ASN A 241 -9.78 21.34 8.39
C ASN A 241 -10.33 20.21 7.50
N THR A 242 -10.35 18.94 8.01
CA THR A 242 -10.90 17.82 7.23
C THR A 242 -12.37 18.04 6.87
N PHE A 243 -13.10 18.83 7.69
CA PHE A 243 -14.50 19.12 7.39
C PHE A 243 -14.59 20.08 6.19
N ASP A 244 -13.67 21.04 6.11
CA ASP A 244 -13.67 22.07 5.08
C ASP A 244 -13.06 21.67 3.72
N ILE A 245 -12.50 20.44 3.58
CA ILE A 245 -11.87 19.99 2.32
C ILE A 245 -12.86 19.97 1.13
N THR A 246 -14.07 19.45 1.32
CA THR A 246 -15.09 19.40 0.26
C THR A 246 -15.32 20.79 -0.38
N VAL A 247 -15.60 21.82 0.46
CA VAL A 247 -15.83 23.18 -0.01
C VAL A 247 -14.57 23.74 -0.67
N TYR A 248 -13.42 23.52 -0.06
CA TYR A 248 -12.15 23.98 -0.62
C TYR A 248 -12.01 23.47 -2.07
N LEU A 249 -12.22 22.15 -2.28
CA LEU A 249 -12.13 21.54 -3.62
C LEU A 249 -13.22 22.06 -4.58
N LEU A 250 -14.47 22.23 -4.12
CA LEU A 250 -15.57 22.79 -4.93
C LEU A 250 -15.30 24.24 -5.38
N GLN A 251 -14.42 24.95 -4.67
CA GLN A 251 -14.06 26.32 -5.06
C GLN A 251 -13.05 26.32 -6.19
N GLY A 252 -12.48 25.14 -6.50
CA GLY A 252 -11.48 24.99 -7.56
C GLY A 252 -10.06 25.21 -7.07
N ARG A 253 -9.86 25.05 -5.76
CA ARG A 253 -8.55 25.18 -5.12
C ARG A 253 -7.93 23.79 -5.11
N ARG A 254 -6.61 23.70 -5.32
CA ARG A 254 -5.91 22.41 -5.38
C ARG A 254 -4.56 22.56 -4.71
N LEU A 255 -3.89 21.41 -4.39
CA LEU A 255 -2.53 21.43 -3.84
C LEU A 255 -1.65 22.12 -4.89
N LEU A 256 -0.76 23.00 -4.45
CA LEU A 256 0.11 23.80 -5.31
C LEU A 256 1.33 23.05 -5.78
N GLN A 257 1.99 23.57 -6.83
CA GLN A 257 3.16 22.92 -7.38
C GLN A 257 4.35 22.97 -6.44
N PRO A 258 4.89 21.79 -6.04
CA PRO A 258 6.07 21.76 -5.17
C PRO A 258 7.27 22.37 -5.90
N GLU A 259 8.14 23.03 -5.12
CA GLU A 259 9.33 23.75 -5.57
C GLU A 259 10.16 23.05 -6.64
N TYR A 260 10.49 21.77 -6.47
CA TYR A 260 11.39 21.16 -7.48
C TYR A 260 10.69 20.11 -8.35
N CYS A 261 9.36 20.21 -8.44
CA CYS A 261 8.53 19.32 -9.24
C CYS A 261 8.47 19.79 -10.72
N PRO A 262 8.93 18.96 -11.70
CA PRO A 262 8.84 19.38 -13.12
C PRO A 262 7.40 19.69 -13.52
N ASP A 263 7.21 20.72 -14.36
CA ASP A 263 5.89 21.18 -14.81
C ASP A 263 5.07 20.07 -15.43
N PRO A 264 5.61 19.21 -16.35
CA PRO A 264 4.78 18.12 -16.91
C PRO A 264 4.28 17.17 -15.82
N LEU A 265 5.08 16.96 -14.76
CA LEU A 265 4.64 16.09 -13.64
C LEU A 265 3.52 16.77 -12.83
N TYR A 266 3.60 18.11 -12.64
CA TYR A 266 2.50 18.80 -11.98
C TYR A 266 1.23 18.78 -12.86
N GLU A 267 1.38 18.87 -14.19
CA GLU A 267 0.23 18.77 -15.10
C GLU A 267 -0.47 17.43 -14.88
N VAL A 268 0.31 16.36 -14.69
CA VAL A 268 -0.21 15.02 -14.42
C VAL A 268 -1.01 14.98 -13.10
N MET A 269 -0.49 15.60 -12.03
CA MET A 269 -1.20 15.71 -10.73
C MET A 269 -2.53 16.44 -10.88
N LEU A 270 -2.52 17.60 -11.58
CA LEU A 270 -3.76 18.37 -11.80
C LEU A 270 -4.80 17.56 -12.54
N LYS A 271 -4.39 16.70 -13.49
CA LYS A 271 -5.33 15.85 -14.27
C LYS A 271 -6.00 14.84 -13.34
N CYS A 272 -5.27 14.36 -12.32
CA CYS A 272 -5.75 13.39 -11.30
C CYS A 272 -6.84 14.02 -10.44
N TRP A 273 -6.80 15.35 -10.29
CA TRP A 273 -7.78 16.04 -9.45
C TRP A 273 -8.92 16.72 -10.23
N HIS A 274 -9.15 16.29 -11.47
CA HIS A 274 -10.27 16.84 -12.23
C HIS A 274 -11.57 16.49 -11.48
N PRO A 275 -12.52 17.43 -11.31
CA PRO A 275 -13.77 17.09 -10.60
C PRO A 275 -14.61 16.00 -11.27
N LYS A 276 -14.45 15.77 -12.58
CA LYS A 276 -15.20 14.72 -13.30
C LYS A 276 -14.31 13.48 -13.42
N ALA A 277 -14.69 12.39 -12.73
CA ALA A 277 -13.95 11.11 -12.68
C ALA A 277 -13.56 10.57 -14.07
N GLU A 278 -14.50 10.66 -15.02
CA GLU A 278 -14.34 10.23 -16.40
C GLU A 278 -13.24 10.99 -17.15
N MET A 279 -12.92 12.24 -16.72
CA MET A 279 -11.89 13.10 -17.34
C MET A 279 -10.47 12.84 -16.79
N ARG A 280 -10.38 12.08 -15.72
CA ARG A 280 -9.07 11.77 -15.10
C ARG A 280 -8.34 10.72 -15.91
N PRO A 281 -6.99 10.70 -15.88
CA PRO A 281 -6.27 9.64 -16.59
C PRO A 281 -6.48 8.28 -15.94
N SER A 282 -6.30 7.21 -16.71
CA SER A 282 -6.34 5.84 -16.21
C SER A 282 -4.95 5.58 -15.60
N PHE A 283 -4.77 4.49 -14.81
CA PHE A 283 -3.42 4.18 -14.29
C PHE A 283 -2.48 3.80 -15.44
N SER A 284 -3.00 3.17 -16.50
CA SER A 284 -2.24 2.86 -17.72
C SER A 284 -1.67 4.16 -18.35
N GLU A 285 -2.51 5.21 -18.48
CA GLU A 285 -2.06 6.52 -19.00
C GLU A 285 -1.04 7.14 -18.06
N LEU A 286 -1.23 7.00 -16.72
CA LEU A 286 -0.30 7.55 -15.74
C LEU A 286 1.09 6.92 -15.85
N VAL A 287 1.13 5.57 -15.96
CA VAL A 287 2.42 4.86 -16.16
C VAL A 287 3.08 5.39 -17.45
N SER A 288 2.31 5.54 -18.56
CA SER A 288 2.85 6.03 -19.85
C SER A 288 3.44 7.43 -19.71
N ARG A 289 2.63 8.36 -19.17
CA ARG A 289 3.08 9.75 -19.02
C ARG A 289 4.27 9.88 -18.06
N ILE A 290 4.22 9.20 -16.91
CA ILE A 290 5.29 9.31 -15.90
C ILE A 290 6.57 8.62 -16.38
N SER A 291 6.44 7.48 -17.10
CA SER A 291 7.64 6.78 -17.60
C SER A 291 8.44 7.68 -18.54
N ALA A 292 7.74 8.45 -19.41
CA ALA A 292 8.43 9.40 -20.31
C ALA A 292 9.10 10.56 -19.55
N ILE A 293 8.50 11.02 -18.42
CA ILE A 293 9.09 12.10 -17.61
C ILE A 293 10.34 11.56 -16.93
N PHE A 294 10.22 10.37 -16.34
CA PHE A 294 11.29 9.68 -15.66
C PHE A 294 12.50 9.49 -16.58
N SER A 295 12.28 9.01 -17.83
CA SER A 295 13.36 8.81 -18.82
C SER A 295 14.19 10.09 -19.18
N THR A 296 13.69 11.31 -18.89
CA THR A 296 14.45 12.56 -19.17
C THR A 296 15.66 12.76 -18.21
N PHE A 297 15.66 12.07 -17.06
CA PHE A 297 16.72 12.20 -16.05
C PHE A 297 17.93 11.29 -16.26
N ILE A 298 19.15 11.85 -16.04
CA ILE A 298 20.45 11.16 -16.15
C ILE A 298 20.61 10.17 -14.97
N GLY A 299 21.09 8.95 -15.28
CA GLY A 299 21.31 7.89 -14.31
C1 SWN B . 2.81 -4.34 7.44
C2 SWN B . 2.65 -4.67 8.77
C3 SWN B . 1.49 -5.30 9.21
C7 SWN B . 5.28 -4.51 6.69
C8 SWN B . 5.35 -5.69 6.01
C9 SWN B . 7.43 -5.26 6.64
C10 SWN B . 9.31 -4.36 7.50
C11 SWN B . 8.62 -3.26 8.01
C12 SWN B . 7.24 -3.19 7.82
C13 SWN B . 6.62 -4.21 7.09
C14 SWN B . 9.32 -2.19 8.74
C15 SWN B . 8.84 -1.27 9.69
C16 SWN B . 10.65 -1.87 8.60
C19 SWN B . 14.27 0.21 10.88
C20 SWN B . 13.75 1.65 8.97
C21 SWN B . 12.30 1.20 8.98
N4 SWN B . 14.33 1.59 10.33
C18 SWN B . 12.84 -0.28 10.95
C17 SWN B . 12.20 -0.20 9.57
N3 SWN B . 10.89 -0.84 9.43
N2 SWN B . 9.78 -0.45 10.12
N1 SWN B . 8.74 -5.37 6.81
N SWN B . 6.64 -6.14 5.98
C SWN B . 4.07 -3.65 6.96
C6 SWN B . 1.80 -4.67 6.54
C5 SWN B . 0.65 -5.30 6.98
C4 SWN B . 0.49 -5.62 8.31
#